data_4IEA
#
_entry.id   4IEA
#
_cell.length_a   82.100
_cell.length_b   111.500
_cell.length_c   62.400
_cell.angle_alpha   90.000
_cell.angle_beta   90.000
_cell.angle_gamma   90.000
#
_symmetry.space_group_name_H-M   'C 2 2 21'
#
loop_
_entity.id
_entity.type
_entity.pdbx_description
1 polymer '14-3-3 protein sigma'
2 polymer 'RAF proto-oncogene serine/threonine-protein kinase'
3 water water
#
loop_
_entity_poly.entity_id
_entity_poly.type
_entity_poly.pdbx_seq_one_letter_code
_entity_poly.pdbx_strand_id
1 'polypeptide(L)'
;GAMGSMERASLIQKAKLAEQAERYEDMAAFMKGAVEKGEELSCEERNLLSVAYKNVVGGQRAAWRVLSSIEQKSNEEGSE
EKGPEVREYREKVETELQGVCDTVLGLLDSHLIKEAGDAESRVFYLKMKGDYYRYLAEVATGDDKKRIIDSARSAYQEAM
DISKKEMPPTNPIRLGLALNFSVFHYEIANSPEEAISLAKTTFDEAMADLHTLSEDSYKDSTLIMQLLRDNLTLWT
;
A
2 'polypeptide(L)' RSA(SEP)EPSL P
#
# COMPACT_ATOMS: atom_id res chain seq x y z
N ALA A 2 11.45 3.94 -22.86
CA ALA A 2 10.25 3.09 -22.49
C ALA A 2 9.69 3.76 -21.26
N MET A 3 8.45 4.25 -21.33
CA MET A 3 7.51 4.24 -22.47
C MET A 3 7.68 5.65 -22.97
N GLY A 4 8.95 6.01 -23.13
CA GLY A 4 9.35 7.39 -23.43
C GLY A 4 8.78 7.98 -24.71
N SER A 5 8.48 7.09 -25.69
CA SER A 5 7.90 7.59 -26.93
C SER A 5 6.40 7.73 -26.94
N MET A 6 5.73 7.25 -25.88
CA MET A 6 4.25 7.29 -25.86
C MET A 6 3.77 8.57 -25.18
N GLU A 7 2.74 9.22 -25.77
CA GLU A 7 2.11 10.38 -25.13
C GLU A 7 1.63 10.03 -23.73
N ARG A 8 1.72 11.05 -22.86
CA ARG A 8 1.15 10.86 -21.54
C ARG A 8 -0.30 10.44 -21.60
N ALA A 9 -1.15 11.13 -22.38
CA ALA A 9 -2.59 10.83 -22.36
C ALA A 9 -2.82 9.37 -22.88
N SER A 10 -2.01 8.95 -23.86
CA SER A 10 -2.15 7.58 -24.36
C SER A 10 -1.73 6.53 -23.32
N LEU A 11 -0.72 6.84 -22.50
CA LEU A 11 -0.33 5.96 -21.38
C LEU A 11 -1.47 5.84 -20.35
N ILE A 12 -2.15 6.93 -20.03
CA ILE A 12 -3.26 6.90 -19.04
C ILE A 12 -4.42 6.11 -19.65
N GLN A 13 -4.70 6.34 -20.93
CA GLN A 13 -5.80 5.64 -21.58
C GLN A 13 -5.52 4.13 -21.59
N LYS A 14 -4.27 3.78 -21.95
CA LYS A 14 -3.88 2.33 -21.98
C LYS A 14 -3.88 1.74 -20.56
N ALA A 15 -3.51 2.52 -19.52
CA ALA A 15 -3.58 1.94 -18.17
C ALA A 15 -5.03 1.62 -17.82
N LYS A 16 -5.98 2.45 -18.27
CA LYS A 16 -7.39 2.17 -17.98
C LYS A 16 -7.85 0.93 -18.75
N LEU A 17 -7.36 0.74 -19.96
CA LEU A 17 -7.72 -0.47 -20.79
C LEU A 17 -7.08 -1.67 -20.14
N ALA A 18 -5.85 -1.53 -19.63
CA ALA A 18 -5.20 -2.70 -19.04
C ALA A 18 -5.96 -3.07 -17.77
N GLU A 19 -6.43 -2.08 -17.02
CA GLU A 19 -7.16 -2.38 -15.77
C GLU A 19 -8.47 -3.18 -16.14
N GLN A 20 -9.13 -2.76 -17.21
CA GLN A 20 -10.35 -3.45 -17.64
C GLN A 20 -10.05 -4.89 -18.06
N ALA A 21 -8.86 -5.11 -18.60
CA ALA A 21 -8.45 -6.41 -19.06
C ALA A 21 -7.77 -7.24 -17.97
N GLU A 22 -7.74 -6.71 -16.77
CA GLU A 22 -6.98 -7.27 -15.66
C GLU A 22 -5.49 -7.61 -15.98
N ARG A 23 -4.83 -6.74 -16.76
CA ARG A 23 -3.44 -6.91 -17.16
C ARG A 23 -2.65 -5.93 -16.28
N TYR A 24 -2.50 -6.30 -15.01
CA TYR A 24 -1.92 -5.31 -14.08
C TYR A 24 -0.46 -5.02 -14.29
N GLU A 25 0.35 -5.98 -14.76
CA GLU A 25 1.73 -5.68 -15.08
C GLU A 25 1.82 -4.60 -16.19
N ASP A 26 0.99 -4.75 -17.24
CA ASP A 26 0.96 -3.75 -18.25
C ASP A 26 0.46 -2.42 -17.65
N MET A 27 -0.56 -2.46 -16.82
CA MET A 27 -1.08 -1.23 -16.25
C MET A 27 0.00 -0.50 -15.48
N ALA A 28 0.75 -1.25 -14.69
CA ALA A 28 1.86 -0.63 -13.90
C ALA A 28 2.90 -0.02 -14.78
N ALA A 29 3.26 -0.70 -15.87
CA ALA A 29 4.28 -0.15 -16.72
C ALA A 29 3.74 1.12 -17.43
N PHE A 30 2.44 1.11 -17.83
CA PHE A 30 1.88 2.36 -18.46
C PHE A 30 1.93 3.52 -17.41
N MET A 31 1.57 3.18 -16.16
CA MET A 31 1.53 4.26 -15.17
C MET A 31 2.94 4.74 -14.77
N LYS A 32 3.88 3.83 -14.77
CA LYS A 32 5.26 4.21 -14.49
C LYS A 32 5.68 5.18 -15.61
N GLY A 33 5.38 4.80 -16.87
CA GLY A 33 5.69 5.75 -18.01
C GLY A 33 5.03 7.10 -17.79
N ALA A 34 3.74 7.12 -17.40
CA ALA A 34 3.07 8.39 -17.13
C ALA A 34 3.75 9.21 -16.04
N VAL A 35 4.12 8.56 -14.94
CA VAL A 35 4.80 9.34 -13.87
C VAL A 35 6.08 9.91 -14.43
N GLU A 36 6.79 9.11 -15.23
CA GLU A 36 8.14 9.53 -15.69
C GLU A 36 8.05 10.68 -16.73
N LYS A 37 6.83 11.04 -17.18
CA LYS A 37 6.73 12.24 -17.94
C LYS A 37 7.01 13.49 -17.14
N GLY A 38 6.96 13.38 -15.80
CA GLY A 38 7.43 14.49 -14.97
C GLY A 38 6.34 15.45 -14.52
N GLU A 39 5.11 15.30 -14.99
CA GLU A 39 3.98 16.13 -14.57
CA GLU A 39 4.03 16.15 -14.52
C GLU A 39 3.37 15.50 -13.27
N GLU A 40 2.85 16.35 -12.41
CA GLU A 40 2.13 15.80 -11.24
C GLU A 40 0.90 14.95 -11.74
N LEU A 41 0.40 14.05 -10.90
CA LEU A 41 -0.78 13.23 -11.24
C LEU A 41 -2.03 13.73 -10.58
N SER A 42 -3.10 13.63 -11.31
CA SER A 42 -4.37 13.95 -10.74
C SER A 42 -4.90 12.90 -9.75
N CYS A 43 -6.04 13.17 -9.11
CA CYS A 43 -6.55 12.15 -8.14
C CYS A 43 -6.79 10.80 -8.84
N GLU A 44 -7.48 10.85 -10.02
CA GLU A 44 -7.81 9.59 -10.71
C GLU A 44 -6.51 8.89 -11.15
N GLU A 45 -5.54 9.64 -11.64
CA GLU A 45 -4.20 9.04 -12.04
C GLU A 45 -3.44 8.41 -10.83
N ARG A 46 -3.45 9.08 -9.68
CA ARG A 46 -2.87 8.48 -8.48
C ARG A 46 -3.55 7.18 -8.22
N ASN A 47 -4.88 7.13 -8.30
CA ASN A 47 -5.52 5.87 -8.08
CA ASN A 47 -5.61 5.87 -8.13
C ASN A 47 -5.16 4.81 -9.10
N LEU A 48 -4.96 5.19 -10.37
CA LEU A 48 -4.54 4.17 -11.31
C LEU A 48 -3.15 3.60 -10.95
N LEU A 49 -2.27 4.48 -10.52
CA LEU A 49 -0.90 4.11 -10.16
C LEU A 49 -0.97 3.09 -9.02
N SER A 50 -1.81 3.43 -8.03
CA SER A 50 -1.94 2.59 -6.84
C SER A 50 -2.58 1.25 -7.18
N VAL A 51 -3.68 1.25 -7.90
CA VAL A 51 -4.32 -0.01 -8.30
C VAL A 51 -3.33 -0.93 -9.03
N ALA A 52 -2.54 -0.37 -9.93
CA ALA A 52 -1.69 -1.18 -10.79
C ALA A 52 -0.64 -1.88 -9.91
N TYR A 53 0.07 -1.07 -9.11
CA TYR A 53 1.15 -1.70 -8.35
C TYR A 53 0.58 -2.57 -7.20
N LYS A 54 -0.60 -2.21 -6.64
CA LYS A 54 -1.15 -3.03 -5.55
C LYS A 54 -1.42 -4.40 -6.12
N ASN A 55 -2.01 -4.47 -7.31
CA ASN A 55 -2.29 -5.79 -7.85
C ASN A 55 -1.04 -6.55 -8.24
N VAL A 56 -0.05 -5.91 -8.85
CA VAL A 56 1.21 -6.60 -9.14
C VAL A 56 1.83 -7.16 -7.88
N VAL A 57 2.04 -6.32 -6.89
CA VAL A 57 2.76 -6.78 -5.70
C VAL A 57 1.84 -7.73 -4.92
N GLY A 58 0.49 -7.60 -4.99
CA GLY A 58 -0.35 -8.55 -4.30
C GLY A 58 -0.24 -9.96 -4.81
N GLY A 59 -0.07 -10.12 -6.14
CA GLY A 59 0.18 -11.43 -6.72
C GLY A 59 1.53 -12.00 -6.24
N GLN A 60 2.55 -11.12 -6.12
CA GLN A 60 3.91 -11.53 -5.79
C GLN A 60 3.85 -11.94 -4.30
N ARG A 61 3.12 -11.16 -3.51
CA ARG A 61 3.07 -11.45 -2.04
C ARG A 61 2.36 -12.78 -1.80
N ALA A 62 1.29 -13.00 -2.54
CA ALA A 62 0.53 -14.25 -2.37
C ALA A 62 1.45 -15.38 -2.76
N ALA A 63 2.18 -15.25 -3.86
CA ALA A 63 3.06 -16.39 -4.26
C ALA A 63 4.20 -16.59 -3.23
N TRP A 64 4.78 -15.49 -2.76
CA TRP A 64 5.89 -15.57 -1.79
C TRP A 64 5.37 -16.32 -0.53
N ARG A 65 4.15 -16.01 -0.08
CA ARG A 65 3.63 -16.68 1.09
C ARG A 65 3.49 -18.20 0.91
N VAL A 66 3.01 -18.58 -0.24
CA VAL A 66 2.85 -20.01 -0.59
C VAL A 66 4.24 -20.67 -0.50
N LEU A 67 5.23 -20.09 -1.15
CA LEU A 67 6.58 -20.63 -1.21
C LEU A 67 7.26 -20.66 0.15
N SER A 68 7.06 -19.59 0.94
CA SER A 68 7.68 -19.51 2.26
CA SER A 68 7.68 -19.54 2.25
C SER A 68 7.12 -20.62 3.16
N SER A 69 5.83 -20.85 3.06
CA SER A 69 5.18 -21.91 3.87
CA SER A 69 5.18 -21.89 3.86
C SER A 69 5.73 -23.26 3.49
N ILE A 70 5.85 -23.49 2.19
CA ILE A 70 6.49 -24.78 1.73
C ILE A 70 7.93 -24.94 2.24
N GLU A 71 8.67 -23.85 2.20
CA GLU A 71 10.06 -23.83 2.62
C GLU A 71 10.12 -24.10 4.15
N GLN A 72 9.25 -23.43 4.90
CA GLN A 72 9.26 -23.62 6.38
C GLN A 72 8.95 -25.09 6.74
N LYS A 73 7.96 -25.70 6.11
CA LYS A 73 7.72 -27.16 6.26
C LYS A 73 8.89 -28.09 5.92
N SER A 74 9.65 -27.77 4.87
CA SER A 74 10.82 -28.57 4.51
CA SER A 74 10.81 -28.58 4.51
C SER A 74 11.87 -28.52 5.61
N ASN A 75 11.74 -27.53 6.48
CA ASN A 75 12.65 -27.34 7.62
C ASN A 75 12.15 -27.87 8.97
N GLU A 76 11.18 -28.80 8.98
CA GLU A 76 10.77 -29.51 10.22
C GLU A 76 11.94 -30.31 10.77
N LYS A 82 16.60 -31.41 1.35
CA LYS A 82 15.88 -32.08 0.28
C LYS A 82 16.04 -31.31 -1.05
N GLY A 83 17.06 -30.46 -1.04
CA GLY A 83 17.60 -29.80 -2.23
C GLY A 83 17.33 -28.29 -2.11
N PRO A 84 18.04 -27.50 -2.90
CA PRO A 84 18.00 -26.06 -2.82
C PRO A 84 16.79 -25.48 -3.53
N GLU A 85 15.94 -26.28 -4.21
CA GLU A 85 14.98 -25.71 -5.17
C GLU A 85 13.94 -24.80 -4.53
N VAL A 86 13.40 -25.19 -3.37
CA VAL A 86 12.33 -24.40 -2.77
C VAL A 86 12.87 -23.03 -2.34
N ARG A 87 14.03 -23.04 -1.69
CA ARG A 87 14.66 -21.79 -1.30
CA ARG A 87 14.71 -21.81 -1.29
C ARG A 87 15.05 -20.94 -2.51
N GLU A 88 15.59 -21.57 -3.56
CA GLU A 88 15.98 -20.81 -4.76
C GLU A 88 14.77 -20.11 -5.37
N TYR A 89 13.67 -20.84 -5.45
CA TYR A 89 12.52 -20.28 -6.15
C TYR A 89 11.82 -19.24 -5.25
N ARG A 90 11.79 -19.50 -3.94
CA ARG A 90 11.24 -18.46 -3.05
C ARG A 90 12.11 -17.19 -3.20
N GLU A 91 13.45 -17.31 -3.26
CA GLU A 91 14.33 -16.17 -3.46
C GLU A 91 14.10 -15.48 -4.76
N LYS A 92 13.75 -16.23 -5.79
CA LYS A 92 13.52 -15.60 -7.10
CA LYS A 92 13.48 -15.64 -7.14
C LYS A 92 12.27 -14.72 -7.03
N VAL A 93 11.23 -15.26 -6.46
CA VAL A 93 9.97 -14.48 -6.31
C VAL A 93 10.22 -13.29 -5.37
N GLU A 94 10.92 -13.54 -4.24
CA GLU A 94 11.30 -12.48 -3.35
C GLU A 94 12.05 -11.33 -4.02
N THR A 95 13.00 -11.68 -4.90
CA THR A 95 13.83 -10.65 -5.52
C THR A 95 12.93 -9.80 -6.45
N GLU A 96 12.03 -10.50 -7.14
CA GLU A 96 11.12 -9.82 -8.10
C GLU A 96 10.19 -8.88 -7.36
N LEU A 97 9.70 -9.37 -6.22
CA LEU A 97 8.86 -8.55 -5.36
CA LEU A 97 8.84 -8.53 -5.40
C LEU A 97 9.61 -7.30 -4.88
N GLN A 98 10.86 -7.49 -4.41
CA GLN A 98 11.65 -6.37 -3.90
C GLN A 98 11.86 -5.39 -5.01
N GLY A 99 12.06 -5.92 -6.22
CA GLY A 99 12.29 -5.03 -7.36
C GLY A 99 11.11 -4.15 -7.65
N VAL A 100 9.91 -4.67 -7.51
CA VAL A 100 8.69 -3.89 -7.80
C VAL A 100 8.53 -2.88 -6.66
N CYS A 101 8.75 -3.27 -5.42
CA CYS A 101 8.72 -2.24 -4.33
C CYS A 101 9.76 -1.16 -4.58
N ASP A 102 10.99 -1.50 -4.94
CA ASP A 102 12.02 -0.47 -5.17
C ASP A 102 11.62 0.45 -6.32
N THR A 103 10.93 -0.09 -7.32
CA THR A 103 10.47 0.75 -8.47
C THR A 103 9.45 1.77 -7.97
N VAL A 104 8.49 1.26 -7.20
CA VAL A 104 7.46 2.18 -6.65
C VAL A 104 8.14 3.24 -5.78
N LEU A 105 9.02 2.80 -4.85
CA LEU A 105 9.65 3.78 -3.98
C LEU A 105 10.49 4.78 -4.78
N GLY A 106 11.07 4.30 -5.86
CA GLY A 106 11.83 5.23 -6.75
C GLY A 106 10.99 6.27 -7.42
N LEU A 107 9.79 5.91 -7.90
CA LEU A 107 8.85 6.88 -8.48
C LEU A 107 8.49 7.89 -7.39
N LEU A 108 8.22 7.42 -6.19
CA LEU A 108 7.83 8.37 -5.12
C LEU A 108 8.95 9.33 -4.79
N ASP A 109 10.18 8.83 -4.76
CA ASP A 109 11.29 9.68 -4.45
C ASP A 109 11.80 10.56 -5.59
N SER A 110 11.45 10.18 -6.80
CA SER A 110 11.93 10.88 -7.99
C SER A 110 10.76 11.06 -8.99
N HIS A 111 9.80 12.02 -8.83
CA HIS A 111 9.84 13.07 -7.81
C HIS A 111 8.46 13.31 -7.29
N LEU A 112 7.66 12.24 -7.09
CA LEU A 112 6.29 12.44 -6.78
C LEU A 112 6.08 13.18 -5.43
N ILE A 113 6.75 12.71 -4.37
CA ILE A 113 6.51 13.27 -3.04
C ILE A 113 6.97 14.74 -3.00
N LYS A 114 8.14 15.03 -3.57
CA LYS A 114 8.62 16.43 -3.41
C LYS A 114 7.78 17.46 -4.19
N GLU A 115 7.05 17.07 -5.25
CA GLU A 115 6.19 18.02 -5.96
C GLU A 115 4.79 18.06 -5.36
N ALA A 116 4.51 17.17 -4.40
CA ALA A 116 3.14 17.05 -3.86
C ALA A 116 2.91 18.03 -2.68
N GLY A 117 2.20 19.07 -3.01
CA GLY A 117 1.93 20.16 -2.02
C GLY A 117 0.57 20.10 -1.37
N ASP A 118 -0.45 19.59 -2.04
CA ASP A 118 -1.75 19.54 -1.45
C ASP A 118 -1.85 18.36 -0.53
N ALA A 119 -2.61 18.51 0.55
CA ALA A 119 -2.73 17.35 1.46
C ALA A 119 -3.16 16.06 0.83
N GLU A 120 -4.13 16.07 -0.13
CA GLU A 120 -4.58 14.85 -0.73
CA GLU A 120 -4.58 14.79 -0.68
C GLU A 120 -3.48 14.10 -1.48
N SER A 121 -2.68 14.86 -2.19
CA SER A 121 -1.59 14.16 -2.90
C SER A 121 -0.45 13.73 -1.99
N ARG A 122 -0.06 14.61 -1.09
CA ARG A 122 1.06 14.32 -0.21
C ARG A 122 0.78 13.17 0.73
N VAL A 123 -0.45 13.11 1.26
CA VAL A 123 -0.80 12.01 2.15
C VAL A 123 -0.84 10.74 1.31
N PHE A 124 -1.46 10.78 0.12
CA PHE A 124 -1.51 9.58 -0.72
C PHE A 124 -0.15 8.98 -0.97
N TYR A 125 0.79 9.83 -1.37
CA TYR A 125 2.13 9.32 -1.70
C TYR A 125 2.89 8.85 -0.45
N LEU A 126 2.76 9.57 0.66
CA LEU A 126 3.50 9.15 1.89
C LEU A 126 2.93 7.80 2.37
N LYS A 127 1.58 7.66 2.32
CA LYS A 127 0.99 6.37 2.57
C LYS A 127 1.54 5.28 1.65
N MET A 128 1.64 5.54 0.35
CA MET A 128 2.21 4.56 -0.61
C MET A 128 3.64 4.18 -0.15
N LYS A 129 4.42 5.19 0.25
CA LYS A 129 5.78 4.94 0.67
C LYS A 129 5.76 3.96 1.89
N GLY A 130 4.88 4.24 2.87
CA GLY A 130 4.66 3.33 4.02
C GLY A 130 4.34 1.91 3.55
N ASP A 131 3.40 1.81 2.64
CA ASP A 131 2.93 0.52 2.13
C ASP A 131 4.05 -0.32 1.48
N TYR A 132 4.85 0.31 0.62
CA TYR A 132 5.85 -0.48 -0.12
C TYR A 132 7.04 -0.80 0.78
N TYR A 133 7.38 0.08 1.74
CA TYR A 133 8.37 -0.38 2.74
C TYR A 133 7.75 -1.50 3.62
N ARG A 134 6.42 -1.46 3.90
CA ARG A 134 5.85 -2.53 4.65
C ARG A 134 5.95 -3.88 3.87
N TYR A 135 5.73 -3.84 2.56
CA TYR A 135 5.87 -5.10 1.76
C TYR A 135 7.30 -5.52 1.74
N LEU A 136 8.24 -4.58 1.68
CA LEU A 136 9.64 -4.97 1.84
C LEU A 136 9.86 -5.65 3.20
N ALA A 137 9.27 -5.07 4.22
CA ALA A 137 9.48 -5.62 5.56
C ALA A 137 8.95 -7.04 5.72
N GLU A 138 7.87 -7.40 5.01
CA GLU A 138 7.23 -8.67 5.13
C GLU A 138 8.26 -9.76 4.76
N VAL A 139 9.23 -9.42 3.90
CA VAL A 139 10.18 -10.46 3.39
C VAL A 139 11.55 -10.26 3.91
N ALA A 140 11.74 -9.20 4.68
CA ALA A 140 13.07 -8.86 5.18
C ALA A 140 13.42 -9.69 6.34
N THR A 141 14.73 -9.86 6.52
CA THR A 141 15.21 -10.56 7.74
C THR A 141 16.13 -9.71 8.69
N GLY A 142 16.96 -8.82 8.15
CA GLY A 142 17.74 -7.92 9.03
C GLY A 142 19.25 -7.68 8.90
N ASP A 143 19.81 -6.87 9.81
CA ASP A 143 19.09 -5.81 10.54
C ASP A 143 18.52 -4.87 9.44
N ASP A 144 18.76 -5.27 8.18
CA ASP A 144 17.97 -4.71 7.09
C ASP A 144 16.54 -4.50 7.54
N LYS A 145 15.99 -5.53 8.20
CA LYS A 145 14.63 -5.53 8.61
C LYS A 145 14.32 -4.34 9.51
N LYS A 146 15.12 -4.07 10.55
CA LYS A 146 14.77 -2.89 11.38
C LYS A 146 14.74 -1.58 10.64
N ARG A 147 15.71 -1.32 9.78
CA ARG A 147 15.76 -0.09 9.08
C ARG A 147 14.54 0.03 8.13
N ILE A 148 14.17 -1.07 7.48
CA ILE A 148 13.02 -1.02 6.54
C ILE A 148 11.73 -0.74 7.34
N ILE A 149 11.60 -1.33 8.54
CA ILE A 149 10.44 -1.15 9.40
C ILE A 149 10.39 0.29 9.82
N ASP A 150 11.56 0.86 10.17
CA ASP A 150 11.59 2.24 10.48
C ASP A 150 11.22 3.22 9.36
N SER A 151 11.58 2.83 8.14
CA SER A 151 11.26 3.66 6.96
C SER A 151 9.73 3.63 6.76
N ALA A 152 9.14 2.43 6.91
CA ALA A 152 7.64 2.35 6.83
C ALA A 152 7.00 3.21 7.92
N ARG A 153 7.43 3.06 9.16
CA ARG A 153 6.78 3.74 10.24
CA ARG A 153 6.85 3.75 10.28
C ARG A 153 6.91 5.26 10.02
N SER A 154 8.09 5.71 9.63
CA SER A 154 8.31 7.13 9.42
CA SER A 154 8.33 7.13 9.40
C SER A 154 7.45 7.73 8.30
N ALA A 155 7.27 6.99 7.20
CA ALA A 155 6.40 7.47 6.14
C ALA A 155 4.96 7.51 6.61
N TYR A 156 4.52 6.40 7.25
CA TYR A 156 3.15 6.43 7.76
C TYR A 156 2.90 7.55 8.73
N GLN A 157 3.91 7.80 9.56
CA GLN A 157 3.71 8.80 10.65
C GLN A 157 3.60 10.18 10.06
N GLU A 158 4.48 10.49 9.08
CA GLU A 158 4.35 11.82 8.40
C GLU A 158 2.97 11.96 7.69
N ALA A 159 2.52 10.88 7.08
CA ALA A 159 1.22 10.92 6.40
C ALA A 159 0.15 11.15 7.42
N MET A 160 0.24 10.43 8.54
CA MET A 160 -0.79 10.56 9.56
C MET A 160 -0.82 12.00 10.11
N ASP A 161 0.36 12.57 10.36
CA ASP A 161 0.37 13.93 10.95
C ASP A 161 -0.32 14.94 9.99
N ILE A 162 0.00 14.89 8.68
CA ILE A 162 -0.68 15.76 7.72
C ILE A 162 -2.19 15.47 7.64
N SER A 163 -2.56 14.18 7.60
CA SER A 163 -3.96 13.77 7.45
C SER A 163 -4.78 14.32 8.62
N LYS A 164 -4.22 14.28 9.83
CA LYS A 164 -4.98 14.70 10.98
C LYS A 164 -5.14 16.21 11.03
N LYS A 165 -4.21 16.93 10.46
CA LYS A 165 -4.33 18.41 10.39
C LYS A 165 -5.20 18.86 9.25
N GLU A 166 -5.17 18.12 8.13
CA GLU A 166 -5.71 18.66 6.88
C GLU A 166 -6.92 17.97 6.29
N MET A 167 -7.29 16.79 6.77
CA MET A 167 -8.44 16.05 6.22
C MET A 167 -9.40 15.71 7.29
N PRO A 168 -10.70 15.58 6.91
CA PRO A 168 -11.72 15.18 7.85
C PRO A 168 -11.52 13.71 8.16
N PRO A 169 -12.03 13.28 9.32
CA PRO A 169 -11.81 11.91 9.78
C PRO A 169 -12.46 10.91 8.93
N THR A 170 -13.41 11.31 8.06
CA THR A 170 -13.97 10.38 7.14
C THR A 170 -13.30 10.26 5.79
N ASN A 171 -12.25 11.06 5.53
CA ASN A 171 -11.71 11.08 4.17
C ASN A 171 -11.18 9.67 3.83
N PRO A 172 -11.58 9.07 2.71
CA PRO A 172 -11.18 7.70 2.42
C PRO A 172 -9.65 7.49 2.39
N ILE A 173 -8.88 8.49 2.01
CA ILE A 173 -7.44 8.28 2.03
C ILE A 173 -6.94 8.29 3.46
N ARG A 174 -7.41 9.22 4.25
CA ARG A 174 -7.04 9.20 5.70
C ARG A 174 -7.45 7.87 6.31
N LEU A 175 -8.66 7.37 6.00
CA LEU A 175 -9.12 6.07 6.56
C LEU A 175 -8.25 4.92 6.06
N GLY A 176 -7.93 4.93 4.79
CA GLY A 176 -7.07 3.81 4.27
C GLY A 176 -5.65 3.87 4.82
N LEU A 177 -5.13 5.09 5.00
CA LEU A 177 -3.84 5.25 5.72
C LEU A 177 -3.89 4.66 7.11
N ALA A 178 -4.92 5.04 7.89
CA ALA A 178 -4.99 4.56 9.26
C ALA A 178 -5.17 3.05 9.30
N LEU A 179 -6.00 2.54 8.41
CA LEU A 179 -6.14 1.08 8.27
C LEU A 179 -4.79 0.44 7.99
N ASN A 180 -4.07 0.93 6.96
CA ASN A 180 -2.76 0.26 6.69
C ASN A 180 -1.73 0.47 7.75
N PHE A 181 -1.72 1.64 8.42
CA PHE A 181 -0.76 1.78 9.53
C PHE A 181 -1.11 0.79 10.66
N SER A 182 -2.43 0.57 10.88
CA SER A 182 -2.83 -0.38 11.98
C SER A 182 -2.35 -1.79 11.60
N VAL A 183 -2.39 -2.11 10.30
CA VAL A 183 -1.91 -3.43 9.86
C VAL A 183 -0.37 -3.51 10.02
N PHE A 184 0.29 -2.41 9.72
CA PHE A 184 1.77 -2.31 9.96
C PHE A 184 1.99 -2.62 11.47
N HIS A 185 1.24 -1.98 12.37
CA HIS A 185 1.51 -2.21 13.78
C HIS A 185 1.26 -3.70 14.15
N TYR A 186 0.18 -4.34 13.66
CA TYR A 186 -0.20 -5.67 14.13
C TYR A 186 0.71 -6.73 13.49
N GLU A 187 0.98 -6.56 12.19
CA GLU A 187 1.61 -7.63 11.44
C GLU A 187 3.14 -7.46 11.30
N ILE A 188 3.65 -6.25 11.40
CA ILE A 188 5.06 -5.95 11.16
C ILE A 188 5.81 -5.56 12.42
N ALA A 189 5.22 -4.61 13.22
CA ALA A 189 5.93 -3.97 14.30
C ALA A 189 5.70 -4.71 15.65
N ASN A 190 5.02 -5.84 15.58
CA ASN A 190 4.72 -6.65 16.80
C ASN A 190 4.08 -5.73 17.88
N SER A 191 3.10 -4.90 17.46
CA SER A 191 2.47 -3.91 18.41
C SER A 191 0.97 -4.02 18.28
N PRO A 192 0.40 -5.20 18.60
CA PRO A 192 -1.04 -5.43 18.45
C PRO A 192 -1.82 -4.42 19.27
N GLU A 193 -1.36 -4.00 20.43
CA GLU A 193 -2.17 -2.99 21.15
C GLU A 193 -2.24 -1.64 20.42
N GLU A 194 -1.14 -1.19 19.84
CA GLU A 194 -1.14 0.04 19.06
C GLU A 194 -2.05 -0.10 17.86
N ALA A 195 -2.03 -1.28 17.24
CA ALA A 195 -2.93 -1.53 16.08
C ALA A 195 -4.39 -1.42 16.46
N ILE A 196 -4.75 -2.06 17.55
CA ILE A 196 -6.14 -2.05 18.02
C ILE A 196 -6.55 -0.62 18.43
N SER A 197 -5.69 0.10 19.15
CA SER A 197 -5.99 1.48 19.57
CA SER A 197 -6.00 1.46 19.57
C SER A 197 -6.22 2.36 18.38
N LEU A 198 -5.33 2.20 17.38
CA LEU A 198 -5.44 3.04 16.19
C LEU A 198 -6.72 2.76 15.45
N ALA A 199 -7.02 1.45 15.30
CA ALA A 199 -8.20 1.09 14.50
C ALA A 199 -9.48 1.61 15.20
N LYS A 200 -9.52 1.47 16.54
CA LYS A 200 -10.71 1.88 17.30
CA LYS A 200 -10.68 1.87 17.32
C LYS A 200 -10.86 3.39 17.28
N THR A 201 -9.80 4.15 17.52
CA THR A 201 -9.90 5.61 17.51
CA THR A 201 -9.91 5.64 17.47
C THR A 201 -10.31 6.14 16.10
N THR A 202 -9.71 5.54 15.10
CA THR A 202 -10.01 5.99 13.72
C THR A 202 -11.46 5.67 13.38
N PHE A 203 -11.93 4.50 13.79
CA PHE A 203 -13.37 4.10 13.53
C PHE A 203 -14.33 5.04 14.21
N ASP A 204 -14.08 5.32 15.49
CA ASP A 204 -14.96 6.17 16.29
C ASP A 204 -14.98 7.60 15.81
N GLU A 205 -13.84 8.15 15.44
CA GLU A 205 -13.82 9.52 14.93
C GLU A 205 -14.46 9.59 13.57
N ALA A 206 -14.33 8.52 12.76
CA ALA A 206 -15.08 8.60 11.48
C ALA A 206 -16.59 8.48 11.71
N MET A 207 -16.99 7.58 12.60
CA MET A 207 -18.45 7.40 12.89
C MET A 207 -19.09 8.74 13.27
N ALA A 208 -18.36 9.52 14.08
CA ALA A 208 -18.82 10.84 14.53
C ALA A 208 -18.98 11.90 13.48
N ASP A 209 -18.35 11.69 12.30
CA ASP A 209 -18.28 12.71 11.26
C ASP A 209 -19.18 12.28 10.07
N LEU A 210 -19.76 11.06 10.13
CA LEU A 210 -20.54 10.56 8.98
C LEU A 210 -21.73 11.49 8.70
N HIS A 211 -22.20 12.23 9.71
CA HIS A 211 -23.40 13.01 9.56
C HIS A 211 -23.20 14.14 8.52
N THR A 212 -21.94 14.50 8.27
CA THR A 212 -21.56 15.58 7.43
C THR A 212 -21.59 15.16 5.96
N LEU A 213 -21.67 13.84 5.66
CA LEU A 213 -21.47 13.27 4.34
C LEU A 213 -22.72 13.16 3.49
N SER A 214 -22.52 13.25 2.16
CA SER A 214 -23.55 12.83 1.23
C SER A 214 -23.67 11.34 1.19
N GLU A 215 -24.75 10.83 0.57
CA GLU A 215 -24.96 9.40 0.49
C GLU A 215 -23.76 8.70 -0.20
N ASP A 216 -23.19 9.27 -1.26
CA ASP A 216 -22.08 8.60 -1.91
C ASP A 216 -20.79 8.61 -1.05
N SER A 217 -20.48 9.74 -0.46
CA SER A 217 -19.34 9.88 0.44
C SER A 217 -19.50 8.94 1.62
N TYR A 218 -20.71 8.92 2.19
CA TYR A 218 -20.94 7.96 3.27
C TYR A 218 -20.66 6.51 2.85
N LYS A 219 -21.06 6.09 1.65
CA LYS A 219 -20.75 4.73 1.22
CA LYS A 219 -20.76 4.76 1.14
C LYS A 219 -19.24 4.53 1.10
N ASP A 220 -18.51 5.52 0.55
CA ASP A 220 -17.03 5.39 0.42
C ASP A 220 -16.37 5.21 1.77
N SER A 221 -16.78 6.04 2.73
CA SER A 221 -16.11 6.07 4.10
C SER A 221 -16.47 4.78 4.82
N THR A 222 -17.78 4.39 4.81
CA THR A 222 -18.17 3.23 5.59
C THR A 222 -17.57 1.92 5.01
N LEU A 223 -17.26 1.87 3.70
CA LEU A 223 -16.59 0.65 3.16
C LEU A 223 -15.23 0.42 3.87
N ILE A 224 -14.47 1.49 4.10
CA ILE A 224 -13.13 1.34 4.78
C ILE A 224 -13.32 1.16 6.25
N MET A 225 -14.31 1.86 6.84
CA MET A 225 -14.59 1.63 8.30
C MET A 225 -14.91 0.16 8.58
N GLN A 226 -15.61 -0.52 7.67
CA GLN A 226 -15.94 -1.90 7.84
C GLN A 226 -14.72 -2.81 7.89
N LEU A 227 -13.67 -2.43 7.14
CA LEU A 227 -12.42 -3.13 7.26
C LEU A 227 -11.76 -2.93 8.61
N LEU A 228 -11.80 -1.70 9.19
CA LEU A 228 -11.27 -1.48 10.52
C LEU A 228 -11.99 -2.39 11.51
N ARG A 229 -13.34 -2.45 11.37
CA ARG A 229 -14.14 -3.29 12.28
C ARG A 229 -13.82 -4.78 12.10
N ASP A 230 -13.64 -5.25 10.86
CA ASP A 230 -13.30 -6.64 10.62
C ASP A 230 -11.99 -6.96 11.27
N ASN A 231 -11.01 -6.04 11.14
CA ASN A 231 -9.74 -6.29 11.79
C ASN A 231 -9.86 -6.34 13.31
N LEU A 232 -10.57 -5.36 13.89
CA LEU A 232 -10.76 -5.37 15.34
C LEU A 232 -11.41 -6.66 15.82
N THR A 233 -12.33 -7.19 15.04
CA THR A 233 -12.98 -8.49 15.38
C THR A 233 -11.96 -9.65 15.29
N LEU A 234 -11.08 -9.60 14.30
CA LEU A 234 -10.03 -10.59 14.20
C LEU A 234 -9.02 -10.47 15.36
N TRP A 235 -8.73 -9.24 15.83
CA TRP A 235 -7.63 -9.01 16.75
C TRP A 235 -8.01 -9.10 18.21
N THR A 236 -9.33 -9.17 18.47
CA THR A 236 -9.85 -9.13 19.84
C THR A 236 -10.79 -10.32 20.07
N ARG B 1 -4.93 -13.45 8.14
CA ARG B 1 -4.13 -12.22 7.96
C ARG B 1 -5.11 -11.03 8.03
N SER B 2 -4.63 -9.92 8.52
CA SER B 2 -5.42 -8.69 8.57
C SER B 2 -5.72 -8.14 7.19
N ALA B 3 -6.81 -7.38 7.06
CA ALA B 3 -7.18 -6.77 5.81
C ALA B 3 -6.59 -5.41 5.73
N GLU B 5 -6.02 -1.82 2.91
CA GLU B 5 -6.86 -1.07 2.01
C GLU B 5 -6.97 -1.83 0.67
N PRO B 6 -8.19 -2.01 0.18
CA PRO B 6 -8.39 -2.79 -1.06
C PRO B 6 -8.06 -1.93 -2.28
N SER B 7 -7.96 -2.65 -3.39
CA SER B 7 -7.82 -2.06 -4.72
C SER B 7 -9.25 -1.72 -5.19
N LEU B 8 -9.55 -0.43 -5.39
CA LEU B 8 -10.92 0.02 -5.61
C LEU B 8 -10.85 0.93 -6.81
#